data_4NSY
#
_entry.id   4NSY
#
_cell.length_a   39.579
_cell.length_b   135.810
_cell.length_c   45.587
_cell.angle_alpha   90.00
_cell.angle_beta   97.19
_cell.angle_gamma   90.00
#
_symmetry.space_group_name_H-M   'P 1 21 1'
#
loop_
_entity.id
_entity.type
_entity.pdbx_description
1 polymer 'Lysyl endopeptidase'
2 non-polymer 'N-[(2S,3S)-7-amino-1-chloro-2-hydroxyheptan-3-yl]-4-methylbenzenesulfonamide (Bound Form)'
3 non-polymer 'CHLORIDE ION'
4 non-polymer 'CALCIUM ION'
5 water water
#
_entity_poly.entity_id   1
_entity_poly.type   'polypeptide(L)'
_entity_poly.pdbx_seq_one_letter_code
;GVSGSCNIDVVCPEGNGHRDVIRSVAAYSKQGTMWCTGSLVNNSANDKKMYFLTANHCGMTTAAIASSMVVYWNYQNSTC
RAPGSSSSGANGDGSLAQSQTGAVVRATNAASDFTLLELNTAANPAYNLFWAGWDRRDQNFAGATAIHHPNVAEKRISHS
TVATEISGYNGATGTSHLHVFWQASGGVTEPGSSGSPIYSPEKRVLGQLHGGPSSCSATGADRSDYYGRVFTSWTGGGTS
ATRLSDWLDAAGTGAQFIDGLDSTGTGSGHHHHHH
;
_entity_poly.pdbx_strand_id   A,B
#
loop_
_chem_comp.id
_chem_comp.type
_chem_comp.name
_chem_comp.formula
2OY peptide-like 'N-[(2S,3S)-7-amino-1-chloro-2-hydroxyheptan-3-yl]-4-methylbenzenesulfonamide (Bound Form)' 'C14 H23 Cl N2 O3 S'
CA non-polymer 'CALCIUM ION' 'Ca 2'
CL non-polymer 'CHLORIDE ION' 'Cl -1'
#
# COMPACT_ATOMS: atom_id res chain seq x y z
N GLY A 1 -6.87 17.23 -17.34
CA GLY A 1 -6.71 17.13 -15.86
C GLY A 1 -5.65 18.08 -15.33
N VAL A 2 -5.49 18.06 -14.01
CA VAL A 2 -4.60 18.97 -13.30
C VAL A 2 -3.55 18.19 -12.52
N SER A 3 -2.29 18.55 -12.69
CA SER A 3 -1.22 18.01 -11.86
C SER A 3 -0.16 19.09 -11.60
N GLY A 4 0.84 18.75 -10.79
CA GLY A 4 1.83 19.72 -10.36
C GLY A 4 2.60 20.34 -11.51
N SER A 5 2.85 21.64 -11.41
CA SER A 5 3.43 22.37 -12.52
C SER A 5 4.86 21.96 -12.87
N CYS A 6 5.59 21.41 -11.91
CA CYS A 6 6.97 20.98 -12.18
C CYS A 6 7.02 19.79 -13.12
N ASN A 7 5.88 19.16 -13.39
CA ASN A 7 5.88 18.00 -14.26
C ASN A 7 6.04 18.40 -15.74
N ILE A 8 6.42 17.42 -16.55
CA ILE A 8 6.87 17.64 -17.91
C ILE A 8 5.95 16.90 -18.89
N ASP A 9 5.22 17.65 -19.71
CA ASP A 9 4.36 17.06 -20.71
C ASP A 9 5.19 16.14 -21.59
N VAL A 10 4.65 14.96 -21.91
CA VAL A 10 5.41 14.01 -22.72
C VAL A 10 5.80 14.59 -24.08
N VAL A 11 5.00 15.48 -24.65
CA VAL A 11 5.34 16.01 -25.96
C VAL A 11 6.53 16.97 -25.94
N CYS A 12 6.94 17.38 -24.75
CA CYS A 12 8.13 18.23 -24.62
C CYS A 12 9.37 17.52 -25.19
N PRO A 13 10.44 18.27 -25.44
CA PRO A 13 11.66 17.65 -25.98
C PRO A 13 12.21 16.56 -25.06
N GLU A 14 11.93 16.64 -23.77
CA GLU A 14 12.34 15.61 -22.82
C GLU A 14 11.83 14.23 -23.20
N GLY A 15 10.83 14.16 -24.07
CA GLY A 15 10.30 12.90 -24.54
C GLY A 15 10.92 12.38 -25.82
N ASN A 16 11.89 13.10 -26.38
CA ASN A 16 12.40 12.78 -27.72
C ASN A 16 12.96 11.37 -27.86
N GLY A 17 13.44 10.79 -26.76
CA GLY A 17 14.02 9.46 -26.82
C GLY A 17 13.09 8.36 -26.38
N HIS A 18 11.83 8.71 -26.14
CA HIS A 18 10.86 7.76 -25.59
C HIS A 18 9.54 7.73 -26.38
N ARG A 19 9.60 8.06 -27.67
CA ARG A 19 8.36 8.17 -28.44
C ARG A 19 7.66 6.84 -28.67
N ASP A 20 8.39 5.74 -28.48
CA ASP A 20 7.78 4.42 -28.48
C ASP A 20 7.07 4.11 -27.14
N VAL A 21 7.82 4.08 -26.04
CA VAL A 21 7.22 3.64 -24.78
C VAL A 21 6.21 4.63 -24.20
N ILE A 22 6.25 5.89 -24.64
CA ILE A 22 5.17 6.81 -24.27
C ILE A 22 3.82 6.19 -24.66
N ARG A 23 3.79 5.47 -25.78
CA ARG A 23 2.55 4.89 -26.32
C ARG A 23 2.12 3.59 -25.63
N SER A 24 2.89 3.18 -24.62
CA SER A 24 2.55 2.01 -23.79
CA SER A 24 2.48 2.02 -23.84
C SER A 24 1.72 2.40 -22.57
N VAL A 25 1.78 3.66 -22.18
CA VAL A 25 1.23 4.10 -20.90
C VAL A 25 -0.20 4.61 -21.05
N ALA A 26 -1.05 4.27 -20.09
CA ALA A 26 -2.44 4.70 -20.12
C ALA A 26 -2.92 5.07 -18.73
N ALA A 27 -3.96 5.89 -18.71
CA ALA A 27 -4.70 6.24 -17.51
C ALA A 27 -5.92 5.33 -17.46
N TYR A 28 -6.41 5.05 -16.26
CA TYR A 28 -7.62 4.25 -16.19
C TYR A 28 -8.52 4.63 -15.03
N SER A 29 -9.80 4.33 -15.19
CA SER A 29 -10.78 4.54 -14.15
C SER A 29 -11.12 3.22 -13.45
N LYS A 30 -11.56 3.37 -12.20
CA LYS A 30 -12.04 2.28 -11.38
C LYS A 30 -13.46 2.63 -10.97
N GLN A 31 -14.41 1.77 -11.30
CA GLN A 31 -15.81 2.01 -11.02
C GLN A 31 -16.21 3.43 -11.43
N GLY A 32 -15.72 3.85 -12.59
CA GLY A 32 -16.11 5.11 -13.19
C GLY A 32 -15.23 6.29 -12.86
N THR A 33 -14.39 6.19 -11.83
CA THR A 33 -13.61 7.33 -11.37
C THR A 33 -12.17 7.22 -11.82
N MET A 34 -11.63 8.27 -12.45
CA MET A 34 -10.23 8.27 -12.87
C MET A 34 -9.36 7.93 -11.67
N TRP A 35 -8.48 6.94 -11.83
CA TRP A 35 -7.89 6.28 -10.68
C TRP A 35 -6.38 6.11 -10.63
N CYS A 36 -5.78 5.57 -11.68
CA CYS A 36 -4.37 5.18 -11.62
CA CYS A 36 -4.38 5.15 -11.62
C CYS A 36 -3.79 5.08 -13.01
N THR A 37 -2.50 4.74 -13.08
CA THR A 37 -1.79 4.56 -14.33
C THR A 37 -1.43 3.09 -14.51
N GLY A 38 -1.35 2.65 -15.76
CA GLY A 38 -0.74 1.37 -16.04
C GLY A 38 -0.05 1.44 -17.38
N SER A 39 0.51 0.31 -17.80
CA SER A 39 1.16 0.28 -19.10
C SER A 39 1.20 -1.11 -19.72
N LEU A 40 1.27 -1.07 -21.04
CA LEU A 40 1.31 -2.29 -21.83
CA LEU A 40 1.28 -2.27 -21.86
C LEU A 40 2.70 -2.85 -21.89
N VAL A 41 2.79 -4.16 -21.67
CA VAL A 41 4.07 -4.84 -21.68
C VAL A 41 4.08 -5.99 -22.67
N ASN A 42 5.20 -6.10 -23.37
CA ASN A 42 5.44 -7.19 -24.29
C ASN A 42 5.71 -8.48 -23.51
N ASN A 43 5.57 -9.62 -24.18
CA ASN A 43 5.95 -10.90 -23.58
C ASN A 43 6.81 -11.63 -24.59
N SER A 44 7.43 -12.72 -24.17
CA SER A 44 8.47 -13.36 -24.98
C SER A 44 7.95 -14.00 -26.27
N ALA A 45 6.62 -14.09 -26.41
CA ALA A 45 6.02 -14.59 -27.63
C ALA A 45 5.76 -13.48 -28.65
N ASN A 46 5.93 -12.22 -28.24
CA ASN A 46 5.73 -11.09 -29.17
C ASN A 46 4.40 -11.14 -29.90
N ASP A 47 3.33 -11.35 -29.14
CA ASP A 47 2.04 -11.71 -29.71
C ASP A 47 0.93 -10.69 -29.52
N LYS A 48 1.28 -9.54 -28.96
CA LYS A 48 0.33 -8.43 -28.73
C LYS A 48 -0.76 -8.71 -27.70
N LYS A 49 -0.57 -9.73 -26.85
CA LYS A 49 -1.47 -9.87 -25.72
C LYS A 49 -1.50 -8.57 -24.91
N MET A 50 -2.69 -8.22 -24.44
CA MET A 50 -2.92 -6.93 -23.80
C MET A 50 -2.58 -6.97 -22.31
N TYR A 51 -1.37 -7.41 -22.01
CA TYR A 51 -0.86 -7.45 -20.64
C TYR A 51 -0.58 -6.02 -20.19
N PHE A 52 -1.18 -5.69 -19.06
CA PHE A 52 -1.25 -4.31 -18.63
C PHE A 52 -0.86 -4.30 -17.16
N LEU A 53 0.30 -3.72 -16.88
CA LEU A 53 0.89 -3.75 -15.55
C LEU A 53 0.51 -2.48 -14.79
N THR A 54 0.08 -2.66 -13.55
CA THR A 54 -0.28 -1.54 -12.69
C THR A 54 0.05 -1.88 -11.22
N ALA A 55 -0.44 -1.08 -10.28
CA ALA A 55 -0.10 -1.25 -8.86
C ALA A 55 -1.20 -1.96 -8.09
N ASN A 56 -0.83 -2.91 -7.24
CA ASN A 56 -1.79 -3.62 -6.40
C ASN A 56 -2.62 -2.68 -5.53
N HIS A 57 -2.01 -1.62 -5.02
CA HIS A 57 -2.75 -0.72 -4.13
C HIS A 57 -3.85 0.06 -4.84
N CYS A 58 -3.85 0.06 -6.17
CA CYS A 58 -4.91 0.71 -6.93
CA CYS A 58 -4.91 0.69 -6.96
C CYS A 58 -6.22 -0.10 -6.88
N GLY A 59 -6.12 -1.36 -6.44
CA GLY A 59 -7.30 -2.16 -6.16
C GLY A 59 -8.00 -2.80 -7.35
N MET A 60 -7.27 -2.99 -8.44
CA MET A 60 -7.84 -3.65 -9.61
C MET A 60 -7.56 -5.14 -9.48
N THR A 61 -8.14 -5.74 -8.44
CA THR A 61 -7.67 -7.04 -7.97
C THR A 61 -8.77 -8.09 -7.94
N THR A 62 -9.96 -7.72 -8.40
CA THR A 62 -11.06 -8.66 -8.47
C THR A 62 -11.61 -8.68 -9.90
N ALA A 63 -12.22 -9.80 -10.27
CA ALA A 63 -12.80 -9.92 -11.61
C ALA A 63 -13.88 -8.86 -11.85
N ALA A 64 -14.66 -8.55 -10.81
CA ALA A 64 -15.72 -7.54 -10.94
C ALA A 64 -15.13 -6.17 -11.27
N ILE A 65 -14.14 -5.74 -10.49
CA ILE A 65 -13.52 -4.43 -10.68
C ILE A 65 -12.80 -4.34 -12.03
N ALA A 66 -12.08 -5.38 -12.40
CA ALA A 66 -11.38 -5.40 -13.66
C ALA A 66 -12.38 -5.33 -14.82
N SER A 67 -13.54 -5.92 -14.63
CA SER A 67 -14.49 -6.04 -15.74
C SER A 67 -15.04 -4.66 -16.17
N SER A 68 -15.08 -3.70 -15.25
CA SER A 68 -15.66 -2.39 -15.53
CA SER A 68 -15.66 -2.38 -15.50
C SER A 68 -14.62 -1.26 -15.64
N MET A 69 -13.33 -1.58 -15.56
CA MET A 69 -12.32 -0.52 -15.70
C MET A 69 -12.31 0.00 -17.14
N VAL A 70 -12.05 1.30 -17.28
CA VAL A 70 -11.89 1.91 -18.60
C VAL A 70 -10.46 2.43 -18.73
N VAL A 71 -9.81 2.06 -19.83
CA VAL A 71 -8.42 2.42 -20.10
C VAL A 71 -8.41 3.47 -21.18
N TYR A 72 -7.70 4.56 -20.92
CA TYR A 72 -7.65 5.70 -21.81
C TYR A 72 -6.24 5.87 -22.37
N TRP A 73 -6.12 5.72 -23.69
CA TRP A 73 -4.86 5.85 -24.38
C TRP A 73 -4.67 7.26 -24.92
N ASN A 74 -3.41 7.66 -25.06
CA ASN A 74 -3.06 8.90 -25.74
C ASN A 74 -3.70 10.13 -25.09
N TYR A 75 -3.72 10.17 -23.77
CA TYR A 75 -4.21 11.32 -23.03
C TYR A 75 -3.08 12.18 -22.57
N GLN A 76 -2.84 13.26 -23.31
CA GLN A 76 -1.70 14.11 -23.03
C GLN A 76 -1.93 15.51 -23.59
N ASN A 77 -1.20 16.48 -23.05
CA ASN A 77 -1.37 17.84 -23.54
C ASN A 77 -0.83 17.94 -24.98
N SER A 78 -1.50 18.71 -25.81
CA SER A 78 -1.13 18.77 -27.22
C SER A 78 0.17 19.55 -27.42
N THR A 79 0.47 20.46 -26.50
CA THR A 79 1.66 21.29 -26.57
C THR A 79 2.50 21.14 -25.32
N CYS A 80 3.78 21.48 -25.44
CA CYS A 80 4.69 21.45 -24.30
C CYS A 80 4.49 22.70 -23.47
N ARG A 81 3.83 22.53 -22.32
CA ARG A 81 3.72 23.61 -21.35
C ARG A 81 5.02 23.70 -20.55
N ALA A 82 5.59 24.89 -20.44
CA ALA A 82 6.87 25.04 -19.78
C ALA A 82 6.83 24.46 -18.37
N PRO A 83 7.72 23.51 -18.07
CA PRO A 83 7.72 23.01 -16.69
C PRO A 83 7.93 24.13 -15.68
N GLY A 84 7.15 24.11 -14.60
CA GLY A 84 7.25 25.10 -13.55
C GLY A 84 6.33 26.29 -13.77
N SER A 85 5.70 26.34 -14.93
CA SER A 85 4.86 27.49 -15.28
C SER A 85 3.44 27.27 -14.79
N SER A 86 2.70 28.37 -14.66
CA SER A 86 1.29 28.30 -14.30
C SER A 86 0.54 27.42 -15.29
N SER A 87 0.90 27.52 -16.56
CA SER A 87 0.27 26.73 -17.62
C SER A 87 0.41 25.23 -17.35
N SER A 88 1.60 24.82 -16.92
CA SER A 88 1.83 23.40 -16.65
C SER A 88 0.99 22.88 -15.48
N GLY A 89 0.68 23.78 -14.54
CA GLY A 89 -0.13 23.44 -13.39
C GLY A 89 -1.63 23.55 -13.65
N ALA A 90 -2.00 23.98 -14.86
CA ALA A 90 -3.39 24.21 -15.22
C ALA A 90 -4.03 22.99 -15.87
N ASN A 91 -5.35 22.96 -15.97
CA ASN A 91 -6.01 21.87 -16.69
C ASN A 91 -5.48 21.77 -18.11
N GLY A 92 -5.09 20.57 -18.53
CA GLY A 92 -4.56 20.37 -19.87
C GLY A 92 -5.67 20.23 -20.91
N ASP A 93 -5.26 19.97 -22.15
CA ASP A 93 -6.22 19.82 -23.23
C ASP A 93 -6.28 18.38 -23.77
N GLY A 94 -5.87 17.41 -22.96
CA GLY A 94 -5.86 16.03 -23.40
C GLY A 94 -7.26 15.50 -23.73
N SER A 95 -7.31 14.54 -24.66
CA SER A 95 -8.55 13.86 -25.03
C SER A 95 -8.67 12.50 -24.34
N LEU A 96 -9.88 12.13 -23.96
CA LEU A 96 -10.13 10.82 -23.39
C LEU A 96 -11.00 9.97 -24.34
N ALA A 97 -10.95 10.32 -25.62
CA ALA A 97 -11.80 9.67 -26.63
C ALA A 97 -11.34 8.27 -27.02
N GLN A 98 -10.05 7.97 -26.86
CA GLN A 98 -9.52 6.68 -27.28
C GLN A 98 -9.41 5.76 -26.08
N SER A 99 -10.42 4.92 -25.89
CA SER A 99 -10.48 4.08 -24.73
C SER A 99 -10.88 2.66 -25.05
N GLN A 100 -10.79 1.80 -24.05
CA GLN A 100 -11.31 0.46 -24.12
C GLN A 100 -11.75 0.04 -22.72
N THR A 101 -12.69 -0.88 -22.64
CA THR A 101 -13.28 -1.25 -21.38
C THR A 101 -13.12 -2.74 -21.09
N GLY A 102 -12.74 -3.03 -19.86
CA GLY A 102 -12.75 -4.39 -19.36
C GLY A 102 -11.44 -5.12 -19.40
N ALA A 103 -11.19 -5.91 -18.35
CA ALA A 103 -9.98 -6.69 -18.23
C ALA A 103 -10.24 -7.86 -17.31
N VAL A 104 -9.27 -8.78 -17.25
CA VAL A 104 -9.22 -9.81 -16.23
C VAL A 104 -7.90 -9.65 -15.46
N VAL A 105 -7.91 -10.13 -14.22
CA VAL A 105 -6.71 -10.12 -13.39
C VAL A 105 -5.93 -11.40 -13.64
N ARG A 106 -4.70 -11.29 -14.12
CA ARG A 106 -3.84 -12.45 -14.27
C ARG A 106 -3.03 -12.73 -13.02
N ALA A 107 -2.51 -11.70 -12.38
CA ALA A 107 -1.73 -11.88 -11.18
C ALA A 107 -1.68 -10.61 -10.36
N THR A 108 -1.49 -10.79 -9.05
CA THR A 108 -1.32 -9.66 -8.17
C THR A 108 -0.53 -10.10 -6.93
N ASN A 109 0.27 -9.20 -6.39
CA ASN A 109 0.99 -9.49 -5.15
C ASN A 109 1.38 -8.22 -4.42
N ALA A 110 1.09 -8.14 -3.13
CA ALA A 110 1.28 -6.91 -2.37
C ALA A 110 2.74 -6.54 -2.19
N ALA A 111 3.62 -7.52 -2.01
CA ALA A 111 4.98 -7.23 -1.55
C ALA A 111 5.73 -6.30 -2.52
N SER A 112 5.53 -6.46 -3.83
CA SER A 112 6.12 -5.57 -4.81
C SER A 112 5.02 -4.73 -5.45
N ASP A 113 3.89 -4.66 -4.76
CA ASP A 113 2.75 -3.81 -5.13
C ASP A 113 2.37 -3.89 -6.60
N PHE A 114 2.36 -5.10 -7.16
CA PHE A 114 2.07 -5.26 -8.58
C PHE A 114 0.74 -5.94 -8.86
N THR A 115 0.15 -5.55 -9.99
CA THR A 115 -0.96 -6.27 -10.57
C THR A 115 -0.74 -6.37 -12.06
N LEU A 116 -0.91 -7.57 -12.61
CA LEU A 116 -0.90 -7.74 -14.06
C LEU A 116 -2.30 -8.11 -14.53
N LEU A 117 -2.85 -7.24 -15.35
CA LEU A 117 -4.15 -7.45 -15.96
C LEU A 117 -3.96 -7.87 -17.41
N GLU A 118 -5.00 -8.44 -17.99
CA GLU A 118 -5.02 -8.62 -19.43
C GLU A 118 -6.28 -7.97 -19.92
N LEU A 119 -6.15 -6.91 -20.72
CA LEU A 119 -7.33 -6.19 -21.19
C LEU A 119 -8.15 -7.07 -22.14
N ASN A 120 -9.46 -6.94 -22.07
CA ASN A 120 -10.35 -7.77 -22.88
C ASN A 120 -10.24 -7.50 -24.37
N THR A 121 -10.12 -6.23 -24.72
CA THR A 121 -10.20 -5.79 -26.10
C THR A 121 -8.82 -5.77 -26.78
N ALA A 122 -8.73 -6.45 -27.92
CA ALA A 122 -7.50 -6.43 -28.69
C ALA A 122 -7.14 -4.99 -29.05
N ALA A 123 -5.84 -4.74 -29.17
CA ALA A 123 -5.37 -3.43 -29.54
C ALA A 123 -6.02 -2.97 -30.83
N ASN A 124 -6.57 -1.76 -30.81
CA ASN A 124 -7.04 -1.12 -32.02
C ASN A 124 -5.83 -0.52 -32.73
N PRO A 125 -5.53 -0.98 -33.95
CA PRO A 125 -4.36 -0.41 -34.63
C PRO A 125 -4.40 1.11 -34.74
N ALA A 126 -5.59 1.69 -34.83
CA ALA A 126 -5.73 3.14 -34.92
C ALA A 126 -5.14 3.87 -33.71
N TYR A 127 -5.16 3.23 -32.55
CA TYR A 127 -4.65 3.84 -31.33
C TYR A 127 -3.13 3.93 -31.28
N ASN A 128 -2.47 3.12 -32.11
CA ASN A 128 -1.01 3.13 -32.28
C ASN A 128 -0.28 2.86 -30.98
N LEU A 129 -0.59 1.69 -30.42
CA LEU A 129 -0.04 1.29 -29.14
C LEU A 129 1.38 0.71 -29.29
N PHE A 130 2.06 0.59 -28.16
CA PHE A 130 3.38 -0.02 -28.08
C PHE A 130 3.40 -0.90 -26.85
N TRP A 131 3.98 -2.09 -27.02
CA TRP A 131 4.12 -3.05 -25.92
C TRP A 131 5.58 -2.98 -25.45
N ALA A 132 5.82 -2.44 -24.26
CA ALA A 132 7.20 -2.18 -23.84
C ALA A 132 7.93 -3.45 -23.44
N GLY A 133 9.23 -3.46 -23.67
CA GLY A 133 10.08 -4.51 -23.13
C GLY A 133 10.19 -4.43 -21.62
N TRP A 134 10.87 -5.42 -21.04
CA TRP A 134 11.10 -5.46 -19.60
C TRP A 134 12.45 -6.10 -19.35
N ASP A 135 12.94 -5.91 -18.13
CA ASP A 135 14.26 -6.43 -17.75
C ASP A 135 14.15 -6.87 -16.30
N ARG A 136 14.32 -8.17 -16.08
CA ARG A 136 14.12 -8.74 -14.74
C ARG A 136 15.44 -9.03 -14.05
N ARG A 137 16.54 -8.50 -14.56
CA ARG A 137 17.85 -8.79 -13.98
C ARG A 137 17.98 -8.11 -12.61
N ASP A 138 18.74 -8.74 -11.73
CA ASP A 138 18.92 -8.24 -10.37
C ASP A 138 20.03 -7.20 -10.32
N GLN A 139 19.70 -5.96 -10.69
CA GLN A 139 20.72 -4.92 -10.76
C GLN A 139 20.13 -3.53 -10.73
N ASN A 140 20.98 -2.58 -10.37
CA ASN A 140 20.66 -1.17 -10.49
C ASN A 140 21.06 -0.64 -11.85
N PHE A 141 20.56 0.56 -12.16
CA PHE A 141 20.86 1.23 -13.42
C PHE A 141 21.34 2.65 -13.13
N ALA A 142 21.98 3.25 -14.11
CA ALA A 142 22.64 4.53 -13.91
C ALA A 142 21.69 5.73 -14.00
N GLY A 143 20.45 5.45 -14.43
CA GLY A 143 19.40 6.43 -14.56
C GLY A 143 18.14 5.68 -14.95
N ALA A 144 17.02 6.38 -15.05
CA ALA A 144 15.77 5.76 -15.37
C ALA A 144 14.79 6.86 -15.75
N THR A 145 13.71 6.44 -16.41
CA THR A 145 12.68 7.35 -16.86
C THR A 145 11.30 6.83 -16.50
N ALA A 146 10.49 7.71 -15.92
CA ALA A 146 9.09 7.46 -15.61
C ALA A 146 8.19 8.10 -16.64
N ILE A 147 7.16 7.37 -17.06
CA ILE A 147 6.09 7.93 -17.87
C ILE A 147 4.81 7.59 -17.15
N HIS A 148 3.98 8.60 -16.88
CA HIS A 148 2.94 8.45 -15.87
C HIS A 148 1.85 9.50 -16.01
N HIS A 149 0.72 9.25 -15.36
CA HIS A 149 -0.41 10.16 -15.36
C HIS A 149 -0.59 10.69 -13.92
N PRO A 150 0.16 11.73 -13.54
CA PRO A 150 -0.01 12.24 -12.18
C PRO A 150 -1.38 12.83 -11.99
N ASN A 151 -1.99 12.54 -10.83
CA ASN A 151 -3.38 12.87 -10.57
C ASN A 151 -4.32 12.31 -11.65
N VAL A 152 -3.86 11.27 -12.34
CA VAL A 152 -4.59 10.67 -13.48
C VAL A 152 -4.95 11.76 -14.51
N ALA A 153 -4.09 12.77 -14.57
CA ALA A 153 -4.19 13.84 -15.57
C ALA A 153 -3.33 13.52 -16.79
N GLU A 154 -3.11 14.51 -17.66
CA GLU A 154 -2.35 14.30 -18.87
C GLU A 154 -0.98 13.68 -18.61
N LYS A 155 -0.53 12.88 -19.57
CA LYS A 155 0.69 12.09 -19.43
C LYS A 155 1.94 12.96 -19.29
N ARG A 156 2.83 12.57 -18.39
CA ARG A 156 4.03 13.31 -18.10
C ARG A 156 5.21 12.38 -18.12
N ILE A 157 6.40 12.96 -18.24
CA ILE A 157 7.64 12.20 -18.18
C ILE A 157 8.53 12.79 -17.08
N SER A 158 9.26 11.93 -16.37
CA SER A 158 10.18 12.37 -15.33
C SER A 158 11.45 11.56 -15.48
N HIS A 159 12.58 12.25 -15.47
CA HIS A 159 13.88 11.61 -15.66
C HIS A 159 14.69 11.58 -14.40
N SER A 160 15.38 10.47 -14.20
CA SER A 160 16.35 10.34 -13.14
C SER A 160 17.69 10.13 -13.81
N THR A 161 18.67 10.95 -13.43
CA THR A 161 20.00 10.90 -14.02
C THR A 161 21.06 10.53 -13.00
N VAL A 162 20.63 9.86 -11.94
CA VAL A 162 21.53 9.24 -10.97
C VAL A 162 21.14 7.77 -10.80
N ALA A 163 22.03 7.03 -10.17
CA ALA A 163 21.86 5.61 -10.02
C ALA A 163 20.61 5.28 -9.20
N THR A 164 19.95 4.20 -9.57
CA THR A 164 18.90 3.64 -8.73
C THR A 164 19.51 2.93 -7.56
N GLU A 165 18.68 2.67 -6.54
CA GLU A 165 19.10 1.83 -5.44
C GLU A 165 18.03 0.79 -5.22
N ILE A 166 18.44 -0.35 -4.66
CA ILE A 166 17.54 -1.44 -4.32
C ILE A 166 17.25 -1.39 -2.82
N SER A 167 15.98 -1.42 -2.45
CA SER A 167 15.61 -1.40 -1.05
C SER A 167 14.23 -1.98 -0.87
N GLY A 168 13.75 -1.97 0.36
CA GLY A 168 12.33 -2.18 0.60
C GLY A 168 11.61 -0.85 0.41
N TYR A 169 10.32 -0.88 0.60
CA TYR A 169 9.52 0.32 0.41
C TYR A 169 9.88 1.37 1.45
N ASN A 170 9.99 2.62 1.03
CA ASN A 170 10.34 3.72 1.92
C ASN A 170 11.73 3.54 2.53
N GLY A 171 12.59 2.81 1.82
CA GLY A 171 13.97 2.68 2.21
C GLY A 171 14.22 1.65 3.29
N ALA A 172 13.17 0.95 3.70
CA ALA A 172 13.30 -0.13 4.67
C ALA A 172 14.22 -1.18 4.10
N THR A 173 14.74 -2.01 4.99
CA THR A 173 15.53 -3.17 4.60
C THR A 173 14.71 -4.02 3.65
N GLY A 174 15.31 -4.39 2.53
CA GLY A 174 14.63 -5.26 1.57
C GLY A 174 15.19 -5.13 0.17
N THR A 175 14.64 -5.92 -0.74
CA THR A 175 15.08 -5.92 -2.15
C THR A 175 13.91 -5.87 -3.14
N SER A 176 12.73 -5.53 -2.63
CA SER A 176 11.51 -5.57 -3.41
C SER A 176 11.29 -4.36 -4.31
N HIS A 177 12.05 -3.29 -4.06
CA HIS A 177 11.81 -2.01 -4.69
C HIS A 177 13.07 -1.38 -5.25
N LEU A 178 12.85 -0.63 -6.32
CA LEU A 178 13.85 0.27 -6.85
CA LEU A 178 13.83 0.26 -6.89
C LEU A 178 13.54 1.67 -6.37
N HIS A 179 14.53 2.30 -5.75
CA HIS A 179 14.43 3.66 -5.27
C HIS A 179 15.05 4.55 -6.34
N VAL A 180 14.22 5.44 -6.89
CA VAL A 180 14.60 6.34 -7.98
C VAL A 180 14.60 7.77 -7.47
N PHE A 181 15.69 8.49 -7.75
CA PHE A 181 15.85 9.86 -7.27
C PHE A 181 15.64 10.83 -8.41
N TRP A 182 14.72 11.76 -8.23
CA TRP A 182 14.42 12.73 -9.26
C TRP A 182 15.43 13.89 -9.25
N GLN A 183 15.42 14.66 -10.34
CA GLN A 183 16.28 15.82 -10.47
C GLN A 183 15.73 16.97 -9.64
N ALA A 184 16.63 17.85 -9.21
CA ALA A 184 16.30 18.88 -8.24
C ALA A 184 15.13 19.77 -8.69
N SER A 185 15.06 20.05 -9.99
CA SER A 185 13.94 20.81 -10.54
C SER A 185 13.21 20.07 -11.65
N GLY A 186 13.38 18.76 -11.71
CA GLY A 186 12.77 17.97 -12.75
C GLY A 186 11.39 17.46 -12.36
N GLY A 187 10.83 16.62 -13.21
CA GLY A 187 9.53 16.03 -12.94
C GLY A 187 9.60 15.03 -11.78
N VAL A 188 8.45 14.80 -11.16
CA VAL A 188 8.33 13.88 -10.03
C VAL A 188 7.19 12.91 -10.33
N THR A 189 6.55 12.37 -9.30
CA THR A 189 5.31 11.62 -9.47
C THR A 189 4.35 12.03 -8.38
N GLU A 190 3.06 11.77 -8.60
CA GLU A 190 2.01 12.21 -7.68
C GLU A 190 0.99 11.10 -7.50
N PRO A 191 0.13 11.19 -6.47
CA PRO A 191 -0.96 10.22 -6.41
C PRO A 191 -1.69 10.20 -7.75
N GLY A 192 -1.96 9.00 -8.24
CA GLY A 192 -2.52 8.81 -9.56
C GLY A 192 -1.48 8.24 -10.51
N SER A 193 -0.22 8.58 -10.26
CA SER A 193 0.90 8.05 -11.03
C SER A 193 1.15 6.57 -10.69
N SER A 194 0.59 6.07 -9.60
CA SER A 194 0.85 4.69 -9.20
C SER A 194 0.55 3.72 -10.32
N GLY A 195 1.37 2.69 -10.40
CA GLY A 195 1.21 1.69 -11.43
C GLY A 195 1.97 2.05 -12.71
N SER A 196 2.47 3.28 -12.78
CA SER A 196 3.19 3.73 -13.97
C SER A 196 4.55 3.04 -14.02
N PRO A 197 5.05 2.80 -15.22
CA PRO A 197 6.34 2.10 -15.35
C PRO A 197 7.53 3.00 -15.04
N ILE A 198 8.60 2.38 -14.57
CA ILE A 198 9.93 2.97 -14.62
C ILE A 198 10.71 2.20 -15.67
N TYR A 199 11.40 2.93 -16.56
CA TYR A 199 12.12 2.33 -17.65
C TYR A 199 13.62 2.45 -17.44
N SER A 200 14.34 1.39 -17.79
CA SER A 200 15.79 1.45 -17.85
C SER A 200 16.21 2.39 -18.99
N PRO A 201 17.50 2.73 -19.03
CA PRO A 201 17.97 3.53 -20.17
C PRO A 201 17.72 2.85 -21.54
N GLU A 202 17.55 1.53 -21.56
CA GLU A 202 17.25 0.81 -22.80
CA GLU A 202 17.26 0.77 -22.78
C GLU A 202 15.75 0.66 -23.03
N LYS A 203 14.99 1.40 -22.24
CA LYS A 203 13.54 1.50 -22.37
C LYS A 203 12.77 0.22 -22.03
N ARG A 204 13.30 -0.52 -21.06
CA ARG A 204 12.67 -1.73 -20.56
C ARG A 204 12.09 -1.47 -19.17
N VAL A 205 10.85 -1.91 -18.98
CA VAL A 205 10.20 -1.80 -17.67
C VAL A 205 11.01 -2.54 -16.60
N LEU A 206 11.30 -1.84 -15.50
CA LEU A 206 12.00 -2.44 -14.36
C LEU A 206 11.08 -2.61 -13.16
N GLY A 207 9.92 -1.95 -13.19
CA GLY A 207 9.02 -1.92 -12.07
C GLY A 207 7.90 -0.95 -12.32
N GLN A 208 7.00 -0.83 -11.35
CA GLN A 208 5.89 0.12 -11.46
C GLN A 208 5.73 0.88 -10.17
N LEU A 209 5.21 2.09 -10.26
CA LEU A 209 5.26 3.00 -9.13
C LEU A 209 4.38 2.51 -7.98
N HIS A 210 4.97 2.41 -6.80
CA HIS A 210 4.26 2.12 -5.57
C HIS A 210 3.93 3.44 -4.87
N GLY A 211 4.96 4.20 -4.54
CA GLY A 211 4.75 5.50 -3.95
C GLY A 211 6.08 6.02 -3.46
N GLY A 212 6.01 7.10 -2.70
CA GLY A 212 7.22 7.70 -2.16
C GLY A 212 7.02 9.16 -1.81
N PRO A 213 8.10 9.77 -1.33
CA PRO A 213 7.97 11.11 -0.76
C PRO A 213 7.92 12.26 -1.77
N SER A 214 8.13 11.99 -3.05
CA SER A 214 8.23 13.09 -3.99
C SER A 214 6.92 13.86 -4.17
N SER A 215 7.11 15.15 -4.46
CA SER A 215 6.08 16.09 -4.91
C SER A 215 6.90 17.24 -5.52
N CYS A 216 6.24 18.19 -6.17
CA CYS A 216 6.97 19.30 -6.78
C CYS A 216 7.69 20.15 -5.74
N SER A 217 7.20 20.14 -4.51
CA SER A 217 7.81 20.92 -3.42
C SER A 217 8.88 20.14 -2.66
N ALA A 218 9.01 18.85 -2.94
CA ALA A 218 9.96 18.00 -2.23
C ALA A 218 11.39 18.37 -2.57
N THR A 219 12.28 18.29 -1.57
CA THR A 219 13.68 18.61 -1.76
C THR A 219 14.54 17.47 -1.22
N GLY A 220 15.80 17.44 -1.64
CA GLY A 220 16.73 16.43 -1.19
C GLY A 220 16.28 15.03 -1.48
N ALA A 221 16.55 14.13 -0.55
CA ALA A 221 16.25 12.72 -0.70
C ALA A 221 14.74 12.47 -0.77
N ASP A 222 13.94 13.45 -0.35
CA ASP A 222 12.49 13.31 -0.39
C ASP A 222 11.96 13.42 -1.81
N ARG A 223 12.78 13.95 -2.70
CA ARG A 223 12.41 14.04 -4.12
C ARG A 223 12.76 12.73 -4.82
N SER A 224 12.04 11.68 -4.44
CA SER A 224 12.32 10.33 -4.90
C SER A 224 11.09 9.46 -4.73
N ASP A 225 11.13 8.26 -5.30
CA ASP A 225 10.00 7.34 -5.27
C ASP A 225 10.49 5.90 -5.31
N TYR A 226 9.57 4.99 -5.01
CA TYR A 226 9.84 3.56 -4.93
C TYR A 226 8.96 2.80 -5.91
N TYR A 227 9.60 1.96 -6.71
CA TYR A 227 8.95 1.12 -7.70
C TYR A 227 9.07 -0.35 -7.34
N GLY A 228 7.95 -1.06 -7.31
CA GLY A 228 7.98 -2.50 -7.10
C GLY A 228 8.69 -3.16 -8.26
N ARG A 229 9.70 -3.98 -7.98
CA ARG A 229 10.58 -4.50 -9.01
C ARG A 229 10.02 -5.66 -9.81
N VAL A 230 10.22 -5.59 -11.13
CA VAL A 230 9.94 -6.72 -12.00
C VAL A 230 10.73 -7.94 -11.52
N PHE A 231 11.98 -7.72 -11.12
CA PHE A 231 12.82 -8.79 -10.61
C PHE A 231 12.08 -9.58 -9.52
N THR A 232 11.46 -8.85 -8.59
CA THR A 232 10.77 -9.43 -7.45
C THR A 232 9.43 -10.01 -7.88
N SER A 233 8.69 -9.26 -8.67
CA SER A 233 7.37 -9.69 -9.14
C SER A 233 7.41 -10.92 -10.04
N TRP A 234 8.57 -11.14 -10.66
CA TRP A 234 8.76 -12.26 -11.56
C TRP A 234 8.47 -13.57 -10.87
N THR A 235 8.97 -13.74 -9.66
CA THR A 235 8.73 -14.94 -8.86
C THR A 235 7.56 -14.71 -7.91
N GLY A 236 7.39 -13.47 -7.49
CA GLY A 236 6.24 -13.03 -6.72
C GLY A 236 5.91 -13.92 -5.54
N GLY A 237 4.63 -14.28 -5.43
CA GLY A 237 4.16 -15.11 -4.34
C GLY A 237 4.27 -16.61 -4.61
N GLY A 238 4.94 -16.99 -5.68
CA GLY A 238 5.28 -18.39 -5.93
C GLY A 238 4.21 -19.19 -6.64
N THR A 239 3.20 -18.50 -7.17
CA THR A 239 2.12 -19.14 -7.91
C THR A 239 1.80 -18.29 -9.12
N SER A 240 1.15 -18.87 -10.11
CA SER A 240 0.86 -18.16 -11.35
C SER A 240 0.00 -16.91 -11.11
N ALA A 241 -0.88 -16.97 -10.11
CA ALA A 241 -1.75 -15.84 -9.81
C ALA A 241 -1.08 -14.77 -8.95
N THR A 242 0.19 -14.96 -8.60
CA THR A 242 0.90 -14.01 -7.74
C THR A 242 2.28 -13.62 -8.28
N ARG A 243 2.52 -13.85 -9.58
CA ARG A 243 3.81 -13.54 -10.19
C ARG A 243 3.68 -13.25 -11.69
N LEU A 244 4.73 -12.68 -12.27
CA LEU A 244 4.72 -12.31 -13.69
C LEU A 244 5.17 -13.39 -14.66
N SER A 245 5.99 -14.33 -14.19
CA SER A 245 6.75 -15.21 -15.08
C SER A 245 5.86 -16.00 -16.02
N ASP A 246 4.73 -16.52 -15.51
CA ASP A 246 3.85 -17.37 -16.32
C ASP A 246 3.22 -16.63 -17.49
N TRP A 247 3.17 -15.30 -17.39
CA TRP A 247 2.45 -14.48 -18.36
C TRP A 247 3.42 -13.83 -19.33
N LEU A 248 4.47 -13.23 -18.78
CA LEU A 248 5.45 -12.52 -19.60
C LEU A 248 6.43 -13.46 -20.30
N ASP A 249 6.53 -14.69 -19.82
CA ASP A 249 7.32 -15.72 -20.48
C ASP A 249 6.58 -17.05 -20.46
N ALA A 250 5.37 -17.07 -21.00
CA ALA A 250 4.53 -18.26 -20.98
C ALA A 250 5.19 -19.46 -21.64
N ALA A 251 6.00 -19.23 -22.68
CA ALA A 251 6.63 -20.32 -23.41
C ALA A 251 7.85 -20.86 -22.68
N GLY A 252 8.36 -20.10 -21.72
CA GLY A 252 9.50 -20.54 -20.94
C GLY A 252 10.77 -20.50 -21.76
N THR A 253 11.02 -19.34 -22.37
CA THR A 253 12.22 -19.14 -23.18
C THR A 253 13.42 -18.84 -22.31
N GLY A 254 13.16 -18.43 -21.07
CA GLY A 254 14.21 -18.10 -20.12
C GLY A 254 14.72 -16.68 -20.28
N ALA A 255 14.01 -15.87 -21.06
CA ALA A 255 14.44 -14.48 -21.29
C ALA A 255 14.63 -13.72 -19.99
N GLN A 256 15.78 -13.07 -19.87
CA GLN A 256 16.10 -12.19 -18.73
C GLN A 256 15.69 -10.76 -19.02
N PHE A 257 15.58 -10.44 -20.29
CA PHE A 257 15.09 -9.15 -20.72
C PHE A 257 14.65 -9.27 -22.18
N ILE A 258 13.63 -8.50 -22.54
CA ILE A 258 13.16 -8.44 -23.93
C ILE A 258 12.93 -7.00 -24.32
N ASP A 259 12.91 -6.79 -25.63
CA ASP A 259 12.62 -5.49 -26.18
C ASP A 259 11.13 -5.34 -26.42
N GLY A 260 10.74 -4.15 -26.83
CA GLY A 260 9.35 -3.85 -27.08
C GLY A 260 8.86 -4.34 -28.42
N LEU A 261 7.57 -4.13 -28.63
CA LEU A 261 6.88 -4.54 -29.84
C LEU A 261 5.92 -3.42 -30.24
N ASP A 262 6.01 -2.96 -31.49
CA ASP A 262 5.18 -1.86 -31.94
C ASP A 262 3.94 -2.40 -32.61
N SER A 263 2.93 -1.54 -32.70
CA SER A 263 1.71 -1.87 -33.40
C SER A 263 1.98 -2.07 -34.88
N THR A 264 3.01 -1.40 -35.39
CA THR A 264 3.39 -1.49 -36.79
C THR A 264 4.32 -2.68 -37.04
N GLY B 1 12.23 -10.39 19.50
CA GLY B 1 12.43 -9.61 18.26
C GLY B 1 13.17 -8.32 18.54
N VAL B 2 13.53 -7.62 17.47
CA VAL B 2 14.30 -6.39 17.55
C VAL B 2 13.55 -5.25 16.89
N SER B 3 13.43 -4.13 17.59
CA SER B 3 12.84 -2.94 17.00
C SER B 3 13.52 -1.70 17.56
N GLY B 4 13.11 -0.52 17.07
CA GLY B 4 13.77 0.73 17.41
C GLY B 4 13.73 1.05 18.88
N SER B 5 14.84 1.54 19.40
CA SER B 5 14.96 1.70 20.84
C SER B 5 14.04 2.77 21.42
N CYS B 6 13.59 3.73 20.61
CA CYS B 6 12.68 4.76 21.10
C CYS B 6 11.32 4.19 21.44
N ASN B 7 11.05 2.93 21.06
CA ASN B 7 9.74 2.38 21.34
C ASN B 7 9.56 2.01 22.80
N ILE B 8 8.30 1.83 23.18
CA ILE B 8 7.94 1.70 24.58
C ILE B 8 7.27 0.34 24.81
N ASP B 9 7.92 -0.52 25.58
CA ASP B 9 7.36 -1.81 25.96
C ASP B 9 6.00 -1.65 26.59
N VAL B 10 5.04 -2.47 26.18
CA VAL B 10 3.69 -2.29 26.70
C VAL B 10 3.61 -2.40 28.22
N VAL B 11 4.52 -3.18 28.83
CA VAL B 11 4.45 -3.37 30.27
C VAL B 11 4.91 -2.14 31.04
N CYS B 12 5.50 -1.17 30.35
CA CYS B 12 5.92 0.06 30.98
C CYS B 12 4.73 0.80 31.59
N PRO B 13 4.99 1.75 32.48
CA PRO B 13 3.87 2.50 33.08
C PRO B 13 3.01 3.25 32.04
N GLU B 14 3.62 3.55 30.89
CA GLU B 14 2.90 4.18 29.77
C GLU B 14 1.68 3.34 29.32
N GLY B 15 1.64 2.07 29.68
CA GLY B 15 0.52 1.20 29.39
C GLY B 15 -0.55 1.08 30.47
N ASN B 16 -0.38 1.80 31.57
CA ASN B 16 -1.26 1.65 32.73
C ASN B 16 -2.75 1.83 32.44
N GLY B 17 -3.06 2.63 31.42
CA GLY B 17 -4.43 2.93 31.08
C GLY B 17 -4.95 2.13 29.91
N HIS B 18 -4.18 1.13 29.47
CA HIS B 18 -4.53 0.36 28.27
C HIS B 18 -4.38 -1.14 28.50
N ARG B 19 -4.51 -1.58 29.75
CA ARG B 19 -4.26 -2.98 30.07
C ARG B 19 -5.28 -3.93 29.47
N ASP B 20 -6.45 -3.41 29.07
CA ASP B 20 -7.42 -4.19 28.33
C ASP B 20 -7.05 -4.30 26.85
N VAL B 21 -6.99 -3.17 26.13
CA VAL B 21 -6.80 -3.25 24.68
C VAL B 21 -5.40 -3.74 24.29
N ILE B 22 -4.44 -3.66 25.21
CA ILE B 22 -3.16 -4.31 24.95
C ILE B 22 -3.39 -5.79 24.59
N ARG B 23 -4.36 -6.41 25.23
CA ARG B 23 -4.68 -7.82 25.04
C ARG B 23 -5.50 -8.11 23.76
N SER B 24 -5.78 -7.09 22.97
CA SER B 24 -6.43 -7.24 21.66
CA SER B 24 -6.43 -7.32 21.68
C SER B 24 -5.44 -7.43 20.52
N VAL B 25 -4.20 -7.02 20.74
CA VAL B 25 -3.23 -6.88 19.68
C VAL B 25 -2.36 -8.14 19.55
N ALA B 26 -2.12 -8.56 18.32
CA ALA B 26 -1.32 -9.73 18.09
C ALA B 26 -0.36 -9.53 16.91
N ALA B 27 0.69 -10.33 16.89
CA ALA B 27 1.63 -10.39 15.78
C ALA B 27 1.24 -11.61 14.96
N TYR B 28 1.53 -11.60 13.67
CA TYR B 28 1.26 -12.80 12.89
C TYR B 28 2.27 -13.05 11.78
N SER B 29 2.34 -14.30 11.37
CA SER B 29 3.17 -14.72 10.25
C SER B 29 2.35 -14.97 8.99
N LYS B 30 3.03 -14.78 7.87
CA LYS B 30 2.47 -15.04 6.55
C LYS B 30 3.38 -16.08 5.90
N GLN B 31 2.80 -17.22 5.55
CA GLN B 31 3.54 -18.33 4.97
C GLN B 31 4.82 -18.57 5.76
N GLY B 32 4.69 -18.52 7.09
CA GLY B 32 5.74 -18.92 8.00
C GLY B 32 6.63 -17.81 8.54
N THR B 33 6.60 -16.65 7.89
CA THR B 33 7.50 -15.55 8.23
C THR B 33 6.77 -14.47 9.02
N MET B 34 7.31 -14.08 10.16
CA MET B 34 6.72 -13.01 10.96
C MET B 34 6.53 -11.79 10.07
N TRP B 35 5.32 -11.25 10.05
CA TRP B 35 4.89 -10.37 8.96
C TRP B 35 4.27 -9.04 9.33
N CYS B 36 3.28 -9.04 10.20
CA CYS B 36 2.46 -7.86 10.42
CA CYS B 36 2.45 -7.87 10.40
C CYS B 36 1.73 -7.93 11.76
N THR B 37 1.01 -6.86 12.07
CA THR B 37 0.22 -6.78 13.30
C THR B 37 -1.26 -6.78 12.93
N GLY B 38 -2.07 -7.31 13.84
CA GLY B 38 -3.51 -7.16 13.75
C GLY B 38 -4.09 -7.02 15.13
N SER B 39 -5.40 -6.83 15.21
CA SER B 39 -6.04 -6.80 16.52
C SER B 39 -7.48 -7.28 16.49
N LEU B 40 -7.91 -7.77 17.65
CA LEU B 40 -9.28 -8.26 17.83
CA LEU B 40 -9.25 -8.27 17.84
C LEU B 40 -10.23 -7.13 18.09
N VAL B 41 -11.36 -7.16 17.38
CA VAL B 41 -12.38 -6.14 17.51
C VAL B 41 -13.72 -6.74 17.86
N ASN B 42 -14.41 -6.09 18.79
CA ASN B 42 -15.75 -6.46 19.19
C ASN B 42 -16.75 -6.12 18.10
N ASN B 43 -17.92 -6.73 18.15
CA ASN B 43 -19.01 -6.34 17.26
C ASN B 43 -20.25 -6.09 18.08
N SER B 44 -21.31 -5.57 17.46
CA SER B 44 -22.46 -5.10 18.22
C SER B 44 -23.26 -6.22 18.90
N ALA B 45 -22.95 -7.48 18.58
CA ALA B 45 -23.59 -8.60 19.25
C ALA B 45 -22.80 -9.10 20.45
N ASN B 46 -21.59 -8.57 20.67
CA ASN B 46 -20.82 -8.91 21.86
C ASN B 46 -20.66 -10.41 22.04
N ASP B 47 -20.27 -11.09 20.96
CA ASP B 47 -20.36 -12.55 20.90
C ASP B 47 -19.01 -13.26 20.77
N LYS B 48 -17.91 -12.51 20.87
CA LYS B 48 -16.55 -13.07 20.86
C LYS B 48 -16.12 -13.64 19.51
N LYS B 49 -16.83 -13.31 18.44
CA LYS B 49 -16.36 -13.69 17.11
C LYS B 49 -14.95 -13.15 16.91
N MET B 50 -14.10 -13.98 16.30
CA MET B 50 -12.69 -13.65 16.22
C MET B 50 -12.37 -12.73 15.03
N TYR B 51 -13.04 -11.59 15.00
CA TYR B 51 -12.77 -10.59 13.99
C TYR B 51 -11.44 -9.90 14.27
N PHE B 52 -10.57 -9.89 13.26
CA PHE B 52 -9.18 -9.55 13.41
C PHE B 52 -8.84 -8.59 12.29
N LEU B 53 -8.63 -7.35 12.67
CA LEU B 53 -8.42 -6.26 11.72
CA LEU B 53 -8.41 -6.27 11.72
C LEU B 53 -6.93 -6.10 11.48
N THR B 54 -6.55 -6.01 10.21
CA THR B 54 -5.16 -5.77 9.84
C THR B 54 -5.12 -4.95 8.55
N ALA B 55 -3.95 -4.85 7.91
CA ALA B 55 -3.76 -3.99 6.76
C ALA B 55 -3.80 -4.78 5.46
N ASN B 56 -4.48 -4.23 4.45
CA ASN B 56 -4.58 -4.86 3.13
C ASN B 56 -3.19 -5.08 2.51
N HIS B 57 -2.27 -4.15 2.74
CA HIS B 57 -0.95 -4.28 2.11
C HIS B 57 -0.13 -5.43 2.69
N CYS B 58 -0.56 -5.99 3.81
CA CYS B 58 0.13 -7.14 4.39
CA CYS B 58 0.09 -7.16 4.40
C CYS B 58 -0.18 -8.42 3.58
N GLY B 59 -1.16 -8.35 2.68
CA GLY B 59 -1.41 -9.42 1.73
C GLY B 59 -2.10 -10.66 2.27
N MET B 60 -2.89 -10.49 3.33
CA MET B 60 -3.64 -11.61 3.88
C MET B 60 -5.03 -11.62 3.25
N THR B 61 -5.06 -11.81 1.93
CA THR B 61 -6.23 -11.51 1.13
C THR B 61 -6.73 -12.68 0.29
N THR B 62 -6.09 -13.83 0.44
CA THR B 62 -6.52 -15.01 -0.29
C THR B 62 -6.78 -16.13 0.70
N ALA B 63 -7.61 -17.09 0.30
CA ALA B 63 -7.98 -18.18 1.19
C ALA B 63 -6.75 -18.96 1.62
N ALA B 64 -5.84 -19.21 0.69
CA ALA B 64 -4.64 -19.98 0.97
C ALA B 64 -3.78 -19.33 2.05
N ILE B 65 -3.49 -18.04 1.88
CA ILE B 65 -2.64 -17.30 2.80
C ILE B 65 -3.32 -17.14 4.17
N ALA B 66 -4.60 -16.82 4.15
CA ALA B 66 -5.33 -16.70 5.41
C ALA B 66 -5.35 -18.05 6.14
N SER B 67 -5.41 -19.14 5.41
CA SER B 67 -5.52 -20.45 6.06
C SER B 67 -4.26 -20.84 6.83
N SER B 68 -3.10 -20.41 6.36
CA SER B 68 -1.82 -20.80 6.96
C SER B 68 -1.19 -19.74 7.88
N MET B 69 -1.85 -18.61 8.06
CA MET B 69 -1.30 -17.59 8.94
C MET B 69 -1.32 -18.09 10.38
N VAL B 70 -0.31 -17.68 11.14
CA VAL B 70 -0.23 -18.00 12.56
C VAL B 70 -0.24 -16.69 13.33
N VAL B 71 -1.13 -16.61 14.33
CA VAL B 71 -1.34 -15.43 15.14
C VAL B 71 -0.76 -15.72 16.51
N TYR B 72 0.08 -14.80 16.97
CA TYR B 72 0.80 -14.91 18.23
C TYR B 72 0.32 -13.87 19.25
N TRP B 73 -0.27 -14.35 20.33
CA TRP B 73 -0.78 -13.51 21.42
C TRP B 73 0.25 -13.32 22.52
N ASN B 74 0.14 -12.19 23.19
CA ASN B 74 0.89 -11.94 24.42
C ASN B 74 2.40 -12.02 24.19
N TYR B 75 2.86 -11.47 23.08
CA TYR B 75 4.27 -11.42 22.76
C TYR B 75 4.81 -10.06 23.12
N GLN B 76 5.46 -9.96 24.26
CA GLN B 76 5.94 -8.68 24.75
C GLN B 76 7.09 -8.90 25.72
N ASN B 77 7.90 -7.86 25.90
CA ASN B 77 9.00 -7.98 26.83
C ASN B 77 8.44 -8.11 28.25
N SER B 78 9.08 -8.92 29.08
CA SER B 78 8.58 -9.17 30.41
C SER B 78 8.77 -7.97 31.33
N THR B 79 9.78 -7.16 31.02
CA THR B 79 10.10 -5.99 31.82
C THR B 79 10.13 -4.74 30.95
N CYS B 80 9.98 -3.59 31.61
CA CYS B 80 10.01 -2.32 30.93
C CYS B 80 11.45 -1.93 30.64
N ARG B 81 11.85 -2.01 29.38
CA ARG B 81 13.16 -1.52 28.99
C ARG B 81 13.06 -0.01 28.80
N ALA B 82 14.02 0.73 29.36
CA ALA B 82 14.00 2.18 29.26
C ALA B 82 13.97 2.63 27.80
N PRO B 83 12.93 3.38 27.41
CA PRO B 83 12.88 3.88 26.03
C PRO B 83 14.12 4.72 25.71
N GLY B 84 14.69 4.49 24.54
CA GLY B 84 15.90 5.16 24.12
C GLY B 84 17.17 4.42 24.50
N SER B 85 17.05 3.38 25.31
CA SER B 85 18.23 2.65 25.81
C SER B 85 18.64 1.56 24.83
N SER B 86 19.90 1.14 24.94
CA SER B 86 20.39 0.03 24.14
C SER B 86 19.53 -1.20 24.41
N SER B 87 19.08 -1.36 25.65
CA SER B 87 18.27 -2.51 26.01
C SER B 87 16.98 -2.54 25.18
N SER B 88 16.31 -1.40 25.08
CA SER B 88 15.08 -1.30 24.30
C SER B 88 15.29 -1.64 22.82
N GLY B 89 16.49 -1.35 22.31
CA GLY B 89 16.82 -1.66 20.92
C GLY B 89 17.32 -3.07 20.72
N ALA B 90 17.46 -3.84 21.80
CA ALA B 90 17.98 -5.20 21.73
C ALA B 90 16.87 -6.25 21.58
N ASN B 91 17.24 -7.48 21.23
CA ASN B 91 16.27 -8.56 21.17
C ASN B 91 15.57 -8.68 22.53
N GLY B 92 14.24 -8.76 22.51
CA GLY B 92 13.45 -8.88 23.74
C GLY B 92 13.34 -10.31 24.21
N ASP B 93 12.59 -10.52 25.30
CA ASP B 93 12.40 -11.87 25.87
C ASP B 93 10.97 -12.38 25.73
N GLY B 94 10.22 -11.83 24.78
CA GLY B 94 8.85 -12.24 24.57
C GLY B 94 8.75 -13.69 24.14
N SER B 95 7.61 -14.28 24.47
CA SER B 95 7.31 -15.65 24.09
C SER B 95 6.35 -15.69 22.91
N LEU B 96 6.53 -16.68 22.03
CA LEU B 96 5.64 -16.88 20.90
C LEU B 96 4.94 -18.23 21.05
N ALA B 97 4.76 -18.65 22.31
CA ALA B 97 4.18 -19.96 22.61
C ALA B 97 2.65 -20.00 22.55
N GLN B 98 2.00 -18.84 22.66
CA GLN B 98 0.55 -18.77 22.65
C GLN B 98 0.06 -18.30 21.29
N SER B 99 -0.33 -19.25 20.47
CA SER B 99 -0.67 -18.98 19.08
C SER B 99 -1.91 -19.70 18.66
N GLN B 100 -2.42 -19.32 17.49
CA GLN B 100 -3.45 -20.08 16.81
C GLN B 100 -3.24 -19.93 15.32
N THR B 101 -3.77 -20.86 14.54
CA THR B 101 -3.50 -20.91 13.12
C THR B 101 -4.79 -20.87 12.32
N GLY B 102 -4.79 -20.03 11.29
CA GLY B 102 -5.84 -20.04 10.28
C GLY B 102 -6.90 -18.98 10.46
N ALA B 103 -7.37 -18.48 9.32
CA ALA B 103 -8.43 -17.49 9.28
C ALA B 103 -9.10 -17.53 7.92
N VAL B 104 -10.21 -16.83 7.82
CA VAL B 104 -10.83 -16.53 6.54
C VAL B 104 -10.93 -15.01 6.36
N VAL B 105 -10.89 -14.58 5.12
CA VAL B 105 -11.03 -13.18 4.80
C VAL B 105 -12.53 -12.84 4.76
N ARG B 106 -12.95 -11.89 5.57
CA ARG B 106 -14.32 -11.41 5.55
C ARG B 106 -14.46 -10.19 4.64
N ALA B 107 -13.48 -9.30 4.67
CA ALA B 107 -13.54 -8.12 3.82
C ALA B 107 -12.16 -7.53 3.63
N THR B 108 -11.96 -6.88 2.50
CA THR B 108 -10.71 -6.19 2.26
C THR B 108 -10.98 -5.04 1.29
N ASN B 109 -10.28 -3.92 1.47
CA ASN B 109 -10.38 -2.82 0.51
C ASN B 109 -9.11 -1.97 0.56
N ALA B 110 -8.55 -1.72 -0.61
CA ALA B 110 -7.28 -1.01 -0.71
C ALA B 110 -7.35 0.43 -0.26
N ALA B 111 -8.45 1.12 -0.53
CA ALA B 111 -8.47 2.57 -0.37
C ALA B 111 -8.16 3.00 1.06
N SER B 112 -8.63 2.24 2.05
CA SER B 112 -8.34 2.51 3.45
C SER B 112 -7.42 1.41 4.00
N ASP B 113 -6.76 0.70 3.08
CA ASP B 113 -5.75 -0.33 3.39
C ASP B 113 -6.18 -1.30 4.49
N PHE B 114 -7.45 -1.74 4.46
CA PHE B 114 -7.94 -2.62 5.51
C PHE B 114 -8.22 -4.03 5.03
N THR B 115 -8.02 -4.97 5.95
CA THR B 115 -8.51 -6.33 5.82
C THR B 115 -9.12 -6.77 7.12
N LEU B 116 -10.33 -7.31 7.06
CA LEU B 116 -10.96 -7.91 8.23
C LEU B 116 -10.97 -9.42 8.04
N LEU B 117 -10.26 -10.11 8.92
CA LEU B 117 -10.23 -11.57 8.94
C LEU B 117 -11.15 -12.05 10.06
N GLU B 118 -11.55 -13.31 9.97
CA GLU B 118 -12.13 -13.99 11.13
C GLU B 118 -11.26 -15.19 11.39
N LEU B 119 -10.61 -15.23 12.54
CA LEU B 119 -9.72 -16.34 12.86
C LEU B 119 -10.55 -17.61 13.02
N ASN B 120 -9.99 -18.74 12.58
CA ASN B 120 -10.70 -20.02 12.58
C ASN B 120 -10.98 -20.55 13.99
N THR B 121 -10.03 -20.37 14.89
CA THR B 121 -10.10 -20.99 16.21
C THR B 121 -10.72 -20.01 17.21
N ALA B 122 -11.72 -20.47 17.93
CA ALA B 122 -12.35 -19.67 18.96
C ALA B 122 -11.33 -19.29 20.03
N ALA B 123 -11.57 -18.17 20.69
CA ALA B 123 -10.69 -17.69 21.73
C ALA B 123 -10.45 -18.77 22.78
N ASN B 124 -9.18 -18.99 23.10
CA ASN B 124 -8.79 -19.81 24.23
C ASN B 124 -8.84 -18.92 25.46
N PRO B 125 -9.71 -19.27 26.43
CA PRO B 125 -9.82 -18.42 27.62
C PRO B 125 -8.47 -18.21 28.33
N ALA B 126 -7.58 -19.18 28.22
CA ALA B 126 -6.28 -19.09 28.88
C ALA B 126 -5.43 -17.97 28.30
N TYR B 127 -5.67 -17.62 27.04
CA TYR B 127 -4.94 -16.54 26.39
C TYR B 127 -5.34 -15.16 26.91
N ASN B 128 -6.49 -15.07 27.56
CA ASN B 128 -6.97 -13.83 28.17
C ASN B 128 -7.06 -12.67 27.18
N LEU B 129 -7.82 -12.89 26.11
CA LEU B 129 -7.97 -11.93 25.06
C LEU B 129 -8.96 -10.83 25.42
N PHE B 130 -8.91 -9.73 24.65
CA PHE B 130 -9.85 -8.62 24.75
C PHE B 130 -10.27 -8.25 23.33
N TRP B 131 -11.57 -8.03 23.14
CA TRP B 131 -12.11 -7.60 21.86
C TRP B 131 -12.40 -6.09 21.94
N ALA B 132 -11.59 -5.28 21.28
CA ALA B 132 -11.69 -3.84 21.44
C ALA B 132 -12.95 -3.25 20.80
N GLY B 133 -13.44 -2.20 21.41
CA GLY B 133 -14.47 -1.38 20.79
C GLY B 133 -13.94 -0.61 19.59
N TRP B 134 -14.86 0.09 18.95
CA TRP B 134 -14.55 0.87 17.78
C TRP B 134 -15.47 2.07 17.71
N ASP B 135 -15.07 3.04 16.88
CA ASP B 135 -15.78 4.30 16.78
C ASP B 135 -15.71 4.73 15.32
N ARG B 136 -16.85 4.72 14.62
CA ARG B 136 -16.87 5.00 13.18
C ARG B 136 -17.30 6.42 12.88
N ARG B 137 -17.40 7.26 13.89
CA ARG B 137 -17.86 8.62 13.68
C ARG B 137 -16.85 9.44 12.88
N ASP B 138 -17.36 10.37 12.11
CA ASP B 138 -16.53 11.21 11.23
C ASP B 138 -15.93 12.38 11.99
N GLN B 139 -14.81 12.15 12.67
CA GLN B 139 -14.23 13.20 13.51
C GLN B 139 -12.78 12.94 13.86
N ASN B 140 -12.09 14.01 14.22
CA ASN B 140 -10.76 13.94 14.78
C ASN B 140 -10.85 13.83 16.30
N PHE B 141 -9.74 13.42 16.93
CA PHE B 141 -9.65 13.30 18.37
C PHE B 141 -8.44 14.09 18.87
N ALA B 142 -8.42 14.39 20.16
CA ALA B 142 -7.41 15.27 20.72
C ALA B 142 -6.09 14.56 20.97
N GLY B 143 -6.10 13.24 20.82
CA GLY B 143 -4.92 12.41 21.03
C GLY B 143 -5.31 10.99 20.64
N ALA B 144 -4.36 10.06 20.69
CA ALA B 144 -4.61 8.69 20.30
C ALA B 144 -3.47 7.84 20.78
N THR B 145 -3.69 6.53 20.79
CA THR B 145 -2.71 5.57 21.25
C THR B 145 -2.63 4.40 20.28
N ALA B 146 -1.40 4.06 19.92
CA ALA B 146 -1.09 2.90 19.07
C ALA B 146 -0.55 1.78 19.92
N ILE B 147 -1.02 0.57 19.67
CA ILE B 147 -0.43 -0.63 20.23
C ILE B 147 -0.09 -1.54 19.06
N HIS B 148 1.16 -1.97 19.00
CA HIS B 148 1.67 -2.52 17.74
C HIS B 148 2.89 -3.40 17.96
N HIS B 149 3.25 -4.14 16.93
CA HIS B 149 4.45 -5.00 16.95
C HIS B 149 5.44 -4.48 15.91
N PRO B 150 6.25 -3.48 16.27
CA PRO B 150 7.18 -2.95 15.25
C PRO B 150 8.24 -3.99 14.88
N ASN B 151 8.54 -4.09 13.59
CA ASN B 151 9.34 -5.20 13.08
C ASN B 151 8.80 -6.59 13.45
N VAL B 152 7.51 -6.65 13.73
CA VAL B 152 6.86 -7.87 14.23
C VAL B 152 7.61 -8.44 15.44
N ALA B 153 8.20 -7.53 16.21
CA ALA B 153 8.86 -7.84 17.46
C ALA B 153 7.92 -7.63 18.65
N GLU B 154 8.45 -7.65 19.88
CA GLU B 154 7.64 -7.51 21.07
C GLU B 154 6.72 -6.30 21.02
N LYS B 155 5.55 -6.43 21.63
CA LYS B 155 4.51 -5.41 21.58
C LYS B 155 4.94 -4.10 22.23
N ARG B 156 4.59 -2.99 21.60
CA ARG B 156 4.95 -1.66 22.06
C ARG B 156 3.72 -0.76 22.04
N ILE B 157 3.83 0.36 22.75
CA ILE B 157 2.76 1.35 22.80
C ILE B 157 3.36 2.68 22.40
N SER B 158 2.60 3.48 21.65
CA SER B 158 3.02 4.81 21.24
C SER B 158 1.87 5.75 21.46
N HIS B 159 2.13 6.88 22.11
CA HIS B 159 1.10 7.84 22.41
C HIS B 159 1.22 9.08 21.57
N SER B 160 0.07 9.59 21.14
CA SER B 160 -0.01 10.89 20.49
C SER B 160 -0.81 11.81 21.40
N THR B 161 -0.24 12.98 21.70
CA THR B 161 -0.89 13.92 22.60
C THR B 161 -1.24 15.23 21.89
N VAL B 162 -1.35 15.16 20.57
CA VAL B 162 -1.89 16.26 19.77
C VAL B 162 -3.04 15.74 18.91
N ALA B 163 -3.81 16.67 18.35
CA ALA B 163 -4.98 16.32 17.57
C ALA B 163 -4.62 15.49 16.35
N THR B 164 -5.49 14.57 16.00
CA THR B 164 -5.40 13.87 14.74
C THR B 164 -5.87 14.80 13.62
N GLU B 165 -5.51 14.44 12.40
CA GLU B 165 -6.03 15.10 11.22
C GLU B 165 -6.58 14.05 10.26
N ILE B 166 -7.52 14.47 9.42
CA ILE B 166 -8.13 13.61 8.41
C ILE B 166 -7.56 14.02 7.06
N SER B 167 -7.08 13.04 6.31
CA SER B 167 -6.51 13.29 5.00
C SER B 167 -6.50 12.01 4.18
N GLY B 168 -5.95 12.10 2.97
CA GLY B 168 -5.57 10.92 2.23
C GLY B 168 -4.23 10.40 2.73
N TYR B 169 -3.78 9.31 2.16
CA TYR B 169 -2.50 8.73 2.56
C TYR B 169 -1.37 9.70 2.24
N ASN B 170 -0.40 9.80 3.14
CA ASN B 170 0.75 10.67 2.95
C ASN B 170 0.35 12.14 2.81
N GLY B 171 -0.81 12.50 3.36
CA GLY B 171 -1.25 13.89 3.40
C GLY B 171 -1.88 14.37 2.11
N ALA B 172 -2.10 13.44 1.18
CA ALA B 172 -2.80 13.79 -0.06
C ALA B 172 -4.21 14.21 0.26
N THR B 173 -4.85 14.83 -0.74
CA THR B 173 -6.27 15.18 -0.66
C THR B 173 -7.07 13.92 -0.41
N GLY B 174 -7.96 13.96 0.58
CA GLY B 174 -8.79 12.81 0.87
C GLY B 174 -9.29 12.77 2.31
N THR B 175 -10.08 11.74 2.61
CA THR B 175 -10.63 11.56 3.94
C THR B 175 -10.54 10.12 4.42
N SER B 176 -9.73 9.32 3.74
CA SER B 176 -9.64 7.90 4.01
C SER B 176 -8.76 7.55 5.21
N HIS B 177 -7.95 8.51 5.66
CA HIS B 177 -6.93 8.25 6.67
C HIS B 177 -6.94 9.24 7.81
N LEU B 178 -6.54 8.73 8.96
CA LEU B 178 -6.24 9.56 10.12
CA LEU B 178 -6.25 9.53 10.13
C LEU B 178 -4.74 9.71 10.22
N HIS B 179 -4.29 10.96 10.28
CA HIS B 179 -2.89 11.32 10.39
C HIS B 179 -2.63 11.57 11.87
N VAL B 180 -1.71 10.78 12.43
CA VAL B 180 -1.39 10.79 13.85
C VAL B 180 0.06 11.23 14.03
N PHE B 181 0.27 12.21 14.90
CA PHE B 181 1.59 12.79 15.13
C PHE B 181 2.18 12.30 16.44
N TRP B 182 3.36 11.73 16.36
CA TRP B 182 4.00 11.17 17.54
C TRP B 182 4.77 12.24 18.34
N GLN B 183 5.12 11.91 19.58
CA GLN B 183 5.85 12.81 20.46
C GLN B 183 7.32 12.82 20.07
N ALA B 184 7.98 13.96 20.27
CA ALA B 184 9.36 14.15 19.81
C ALA B 184 10.32 13.06 20.28
N SER B 185 10.12 12.57 21.49
CA SER B 185 10.96 11.50 22.03
C SER B 185 10.13 10.27 22.40
N GLY B 186 8.90 10.22 21.92
CA GLY B 186 8.01 9.11 22.23
C GLY B 186 8.16 7.96 21.24
N GLY B 187 7.29 6.95 21.39
CA GLY B 187 7.29 5.81 20.48
C GLY B 187 6.73 6.21 19.12
N VAL B 188 7.07 5.40 18.11
CA VAL B 188 6.66 5.61 16.73
C VAL B 188 6.03 4.31 16.21
N THR B 189 6.09 4.07 14.92
CA THR B 189 5.75 2.76 14.36
C THR B 189 6.79 2.45 13.30
N GLU B 190 6.89 1.17 12.94
CA GLU B 190 7.93 0.69 12.02
C GLU B 190 7.33 -0.35 11.09
N PRO B 191 8.02 -0.68 9.97
CA PRO B 191 7.51 -1.80 9.17
C PRO B 191 7.28 -3.01 10.08
N GLY B 192 6.17 -3.71 9.89
CA GLY B 192 5.76 -4.77 10.79
C GLY B 192 4.62 -4.30 11.67
N SER B 193 4.61 -3.01 12.01
CA SER B 193 3.53 -2.41 12.79
C SER B 193 2.24 -2.31 11.98
N SER B 194 2.32 -2.46 10.66
CA SER B 194 1.14 -2.30 9.83
C SER B 194 0.00 -3.19 10.29
N GLY B 195 -1.20 -2.65 10.19
CA GLY B 195 -2.38 -3.39 10.61
C GLY B 195 -2.70 -3.19 12.07
N SER B 196 -1.80 -2.54 12.81
CA SER B 196 -2.01 -2.32 14.22
C SER B 196 -3.07 -1.23 14.42
N PRO B 197 -3.83 -1.34 15.50
CA PRO B 197 -4.88 -0.34 15.74
C PRO B 197 -4.35 1.01 16.21
N ILE B 198 -5.12 2.04 15.93
CA ILE B 198 -5.03 3.31 16.64
C ILE B 198 -6.31 3.44 17.45
N TYR B 199 -6.15 3.75 18.72
CA TYR B 199 -7.27 3.88 19.64
C TYR B 199 -7.58 5.34 19.97
N SER B 200 -8.86 5.65 20.06
CA SER B 200 -9.28 6.94 20.58
C SER B 200 -8.93 7.00 22.07
N PRO B 201 -9.05 8.18 22.67
CA PRO B 201 -8.83 8.27 24.12
C PRO B 201 -9.77 7.36 24.94
N GLU B 202 -10.93 7.00 24.38
CA GLU B 202 -11.90 6.11 25.00
CA GLU B 202 -11.85 6.09 25.07
C GLU B 202 -11.60 4.63 24.69
N LYS B 203 -10.44 4.38 24.06
CA LYS B 203 -9.94 3.03 23.73
C LYS B 203 -10.74 2.29 22.68
N ARG B 204 -11.25 3.05 21.71
CA ARG B 204 -11.97 2.47 20.60
C ARG B 204 -11.14 2.57 19.34
N VAL B 205 -11.10 1.50 18.57
CA VAL B 205 -10.36 1.51 17.31
C VAL B 205 -10.94 2.52 16.34
N LEU B 206 -10.06 3.36 15.79
CA LEU B 206 -10.44 4.37 14.81
C LEU B 206 -9.92 4.02 13.42
N GLY B 207 -9.00 3.07 13.35
CA GLY B 207 -8.32 2.75 12.11
C GLY B 207 -7.18 1.79 12.39
N GLN B 208 -6.48 1.39 11.33
CA GLN B 208 -5.33 0.49 11.45
C GLN B 208 -4.18 1.05 10.62
N LEU B 209 -2.96 0.71 11.02
CA LEU B 209 -1.80 1.39 10.45
C LEU B 209 -1.58 0.99 9.00
N HIS B 210 -1.50 2.02 8.15
CA HIS B 210 -1.16 1.85 6.75
C HIS B 210 0.34 2.06 6.61
N GLY B 211 0.81 3.24 6.97
CA GLY B 211 2.23 3.55 6.89
C GLY B 211 2.44 5.02 7.13
N GLY B 212 3.66 5.48 6.90
CA GLY B 212 3.99 6.86 7.14
C GLY B 212 5.47 7.07 7.35
N PRO B 213 5.85 8.33 7.53
CA PRO B 213 7.27 8.69 7.57
C PRO B 213 7.97 8.40 8.90
N SER B 214 7.26 7.99 9.95
CA SER B 214 7.92 7.93 11.24
C SER B 214 8.95 6.81 11.32
N SER B 215 9.92 7.06 12.20
CA SER B 215 10.93 6.11 12.61
C SER B 215 11.49 6.76 13.86
N CYS B 216 12.36 6.05 14.59
CA CYS B 216 12.95 6.63 15.79
C CYS B 216 13.80 7.88 15.51
N SER B 217 14.34 8.01 14.29
CA SER B 217 15.16 9.17 13.94
C SER B 217 14.35 10.28 13.26
N ALA B 218 13.08 10.01 12.98
CA ALA B 218 12.25 10.99 12.28
C ALA B 218 11.97 12.19 13.17
N THR B 219 11.85 13.36 12.55
CA THR B 219 11.61 14.59 13.30
C THR B 219 10.43 15.38 12.75
N GLY B 220 9.77 16.10 13.65
CA GLY B 220 8.67 16.97 13.30
C GLY B 220 7.55 16.26 12.57
N ALA B 221 7.16 16.86 11.44
CA ALA B 221 6.04 16.35 10.65
C ALA B 221 6.29 14.92 10.16
N ASP B 222 7.56 14.55 10.03
CA ASP B 222 7.91 13.22 9.57
C ASP B 222 7.72 12.18 10.66
N ARG B 223 7.59 12.62 11.91
CA ARG B 223 7.41 11.70 13.02
C ARG B 223 5.91 11.51 13.20
N SER B 224 5.32 10.85 12.21
CA SER B 224 3.87 10.73 12.13
C SER B 224 3.52 9.55 11.24
N ASP B 225 2.26 9.15 11.28
CA ASP B 225 1.78 8.01 10.49
C ASP B 225 0.33 8.17 10.08
N TYR B 226 -0.10 7.30 9.15
CA TYR B 226 -1.43 7.34 8.58
C TYR B 226 -2.12 6.01 8.83
N TYR B 227 -3.34 6.11 9.31
CA TYR B 227 -4.19 4.97 9.63
C TYR B 227 -5.42 4.96 8.74
N GLY B 228 -5.68 3.85 8.06
CA GLY B 228 -6.91 3.74 7.29
C GLY B 228 -8.09 3.79 8.24
N ARG B 229 -9.06 4.66 7.97
CA ARG B 229 -10.12 4.93 8.93
C ARG B 229 -11.22 3.89 8.96
N VAL B 230 -11.64 3.53 10.17
CA VAL B 230 -12.86 2.74 10.34
C VAL B 230 -14.05 3.45 9.70
N PHE B 231 -14.12 4.77 9.83
CA PHE B 231 -15.20 5.53 9.25
C PHE B 231 -15.31 5.21 7.74
N THR B 232 -14.16 5.17 7.07
CA THR B 232 -14.10 4.93 5.63
C THR B 232 -14.32 3.46 5.33
N SER B 233 -13.64 2.57 6.05
CA SER B 233 -13.79 1.14 5.88
C SER B 233 -15.19 0.61 6.16
N TRP B 234 -15.96 1.36 6.96
CA TRP B 234 -17.30 0.93 7.33
C TRP B 234 -18.16 0.70 6.08
N THR B 235 -18.12 1.67 5.17
CA THR B 235 -18.85 1.60 3.91
C THR B 235 -17.98 0.97 2.82
N GLY B 236 -16.66 1.20 2.93
CA GLY B 236 -15.68 0.56 2.06
C GLY B 236 -16.00 0.63 0.58
N GLY B 237 -15.94 -0.52 -0.08
CA GLY B 237 -16.22 -0.65 -1.50
C GLY B 237 -17.68 -0.91 -1.81
N GLY B 238 -18.54 -0.77 -0.81
CA GLY B 238 -19.97 -0.82 -1.03
C GLY B 238 -20.57 -2.21 -1.11
N THR B 239 -19.81 -3.22 -0.68
CA THR B 239 -20.29 -4.59 -0.63
C THR B 239 -19.76 -5.27 0.62
N SER B 240 -20.38 -6.37 1.02
CA SER B 240 -20.01 -7.04 2.27
C SER B 240 -18.57 -7.54 2.24
N ALA B 241 -18.06 -7.88 1.06
CA ALA B 241 -16.68 -8.36 0.93
C ALA B 241 -15.65 -7.22 0.89
N THR B 242 -16.10 -5.96 0.94
CA THR B 242 -15.21 -4.81 0.83
C THR B 242 -15.46 -3.75 1.92
N ARG B 243 -16.13 -4.12 3.00
CA ARG B 243 -16.46 -3.16 4.05
C ARG B 243 -16.62 -3.84 5.40
N LEU B 244 -16.62 -3.05 6.47
CA LEU B 244 -16.72 -3.58 7.82
C LEU B 244 -18.14 -3.80 8.33
N SER B 245 -19.08 -3.02 7.81
CA SER B 245 -20.38 -2.86 8.47
C SER B 245 -21.13 -4.18 8.66
N ASP B 246 -21.09 -5.05 7.66
CA ASP B 246 -21.83 -6.31 7.73
C ASP B 246 -21.31 -7.21 8.83
N TRP B 247 -20.04 -7.02 9.21
CA TRP B 247 -19.39 -7.90 10.16
C TRP B 247 -19.44 -7.34 11.57
N LEU B 248 -19.04 -6.07 11.69
CA LEU B 248 -18.99 -5.44 13.01
C LEU B 248 -20.37 -5.03 13.53
N ASP B 249 -21.35 -4.95 12.65
CA ASP B 249 -22.72 -4.70 13.06
C ASP B 249 -23.68 -5.57 12.25
N ALA B 250 -23.46 -6.87 12.32
CA ALA B 250 -24.28 -7.82 11.56
C ALA B 250 -25.76 -7.66 11.87
N ALA B 251 -26.08 -7.33 13.12
CA ALA B 251 -27.47 -7.20 13.55
C ALA B 251 -28.14 -5.94 13.02
N GLY B 252 -27.33 -4.99 12.53
CA GLY B 252 -27.84 -3.73 12.03
C GLY B 252 -28.46 -2.91 13.16
N THR B 253 -27.73 -2.77 14.26
CA THR B 253 -28.23 -1.99 15.40
C THR B 253 -28.08 -0.49 15.16
N GLY B 254 -27.20 -0.13 14.23
CA GLY B 254 -26.96 1.27 13.90
C GLY B 254 -25.91 1.91 14.78
N ALA B 255 -25.22 1.08 15.56
CA ALA B 255 -24.21 1.57 16.48
C ALA B 255 -23.16 2.41 15.76
N GLN B 256 -22.89 3.60 16.29
CA GLN B 256 -21.87 4.49 15.77
C GLN B 256 -20.54 4.27 16.50
N PHE B 257 -20.62 3.71 17.69
CA PHE B 257 -19.44 3.30 18.43
C PHE B 257 -19.86 2.28 19.47
N ILE B 258 -18.96 1.36 19.79
CA ILE B 258 -19.21 0.40 20.87
C ILE B 258 -17.95 0.28 21.72
N ASP B 259 -18.15 -0.25 22.92
CA ASP B 259 -17.05 -0.50 23.83
C ASP B 259 -16.52 -1.91 23.61
N GLY B 260 -15.48 -2.26 24.33
CA GLY B 260 -14.86 -3.57 24.20
C GLY B 260 -15.57 -4.66 24.99
N LEU B 261 -15.04 -5.87 24.83
CA LEU B 261 -15.58 -7.05 25.49
C LEU B 261 -14.41 -7.86 25.98
N ASP B 262 -14.44 -8.21 27.25
CA ASP B 262 -13.33 -8.95 27.86
CA ASP B 262 -13.32 -8.95 27.84
C ASP B 262 -13.59 -10.45 27.81
N SER B 263 -12.52 -11.23 27.92
CA SER B 263 -12.63 -12.68 27.95
C SER B 263 -13.45 -13.11 29.16
N THR B 264 -13.35 -12.33 30.23
CA THR B 264 -14.08 -12.62 31.45
C THR B 264 -15.55 -12.20 31.36
N GLY B 265 -15.93 -11.66 30.19
CA GLY B 265 -17.30 -11.26 29.93
C GLY B 265 -17.65 -11.39 28.47
S 2OY C . 0.59 6.00 -2.49
OS1 2OY C . 1.71 5.57 -1.71
OS2 2OY C . 0.37 7.42 -2.30
C7 2OY C . -0.80 5.06 -1.98
C5 2OY C . -2.04 5.66 -2.05
C3 2OY C . -3.19 4.92 -1.64
C2 2OY C . -3.02 3.64 -1.18
C4 2OY C . -1.75 3.05 -1.11
C6 2OY C . -0.64 3.78 -1.52
C1 2OY C . -4.25 2.82 -0.73
N 2OY C . 0.89 5.69 -4.09
CA 2OY C . 0.38 6.56 -5.15
C 2OY C . -0.44 5.73 -6.13
O 2OY C . -1.15 6.60 -7.00
CB 2OY C . 1.54 7.29 -5.83
CG 2OY C . 2.19 8.38 -4.92
CD 2OY C . 3.46 9.02 -5.57
CE 2OY C . 4.01 10.15 -4.67
NZ 2OY C . 5.28 10.64 -5.15
C8 2OY C . -1.49 4.76 -5.53
H5 2OY C . -2.14 6.56 -2.37
H3 2OY C . -4.07 5.31 -1.68
H4 2OY C . -1.65 2.13 -0.78
H6 2OY C . 0.28 3.37 -1.48
H13 2OY C . -4.14 2.57 0.21
H12 2OY C . -4.33 2.00 -1.28
H11 2OY C . -5.05 3.37 -0.82
H 2OY C . 1.60 5.14 -4.29
HA 2OY C . -0.21 7.24 -4.73
H99 2OY C . -1.84 6.17 -7.34
HB2 2OY C . 2.22 6.65 -6.07
HB1 2OY C . 1.21 7.71 -6.64
HG1 2OY C . 2.44 7.99 -4.07
HG2 2OY C . 1.53 9.09 -4.74
HD2 2OY C . 4.13 8.33 -5.69
HD1 2OY C . 3.22 9.40 -6.46
HE1 2OY C . 4.13 9.80 -3.77
HE2 2OY C . 3.36 10.90 -4.65
HZ2 2OY C . 5.86 9.93 -5.25
HZ3 2OY C . 5.15 11.05 -5.96
H83 2OY C . -2.01 5.24 -4.83
H82 2OY C . -2.12 4.47 -6.25
HZ1 2OY C . 5.63 11.25 -4.55
CL CL D . 0.71 0.87 0.19
CL CL E . -7.19 13.40 -7.41
S 2OY F . 4.46 0.55 4.56
OS1 2OY F . 3.91 1.79 4.10
OS2 2OY F . 5.85 0.71 4.91
C7 2OY F . 4.25 -0.67 3.30
C5 2OY F . 5.14 -1.71 3.20
C3 2OY F . 4.96 -2.68 2.19
C2 2OY F . 3.91 -2.56 1.31
C4 2OY F . 3.01 -1.48 1.42
C6 2OY F . 3.19 -0.53 2.41
C1 2OY F . 3.69 -3.62 0.21
N 2OY F . 3.59 0.04 5.87
CA 2OY F . 4.21 -0.68 6.97
C 2OY F . 3.40 -1.97 7.19
O 2OY F . 4.10 -2.78 8.12
CB 2OY F . 4.28 0.18 8.21
CG 2OY F . 5.40 1.28 8.12
CD 2OY F . 5.26 2.30 9.29
CE 2OY F . 6.40 3.36 9.19
NZ 2OY F . 6.29 4.32 10.25
C8 2OY F . 3.11 -2.82 5.94
H5 2OY F . 5.88 -1.79 3.84
H3 2OY F . 5.57 -3.44 2.11
H4 2OY F . 2.26 -1.41 0.79
H6 2OY F . 2.55 0.25 2.49
H13 2OY F . 2.82 -3.48 -0.23
H12 2OY F . 3.72 -4.52 0.61
H11 2OY F . 4.40 -3.55 -0.46
H 2OY F . 2.80 0.46 6.03
HA 2OY F . 5.13 -0.93 6.70
H99 2OY F . 4.95 -2.57 8.11
HB2 2OY F . 3.44 0.62 8.33
HB1 2OY F . 4.46 -0.38 8.98
HG1 2OY F . 5.32 1.75 7.28
HG2 2OY F . 6.26 0.85 8.17
HD2 2OY F . 4.40 2.74 9.24
HD1 2OY F . 5.34 1.83 10.16
HE1 2OY F . 6.32 3.82 8.34
HE2 2OY F . 7.27 2.91 9.24
HZ2 2OY F . 5.46 4.68 10.26
HZ3 2OY F . 6.46 3.91 11.06
H83 2OY F . 3.95 -2.91 5.41
H82 2OY F . 2.81 -3.73 6.22
HZ1 2OY F . 6.92 4.99 10.11
CA CA G . -25.19 -7.60 4.53
CA CA H . 12.12 -7.12 9.43
#